data_2DFA
#
_entry.id   2DFA
#
_cell.length_a   63.781
_cell.length_b   63.826
_cell.length_c   124.434
_cell.angle_alpha   90.00
_cell.angle_beta   90.00
_cell.angle_gamma   90.00
#
_symmetry.space_group_name_H-M   'I 2 2 2'
#
loop_
_entity.id
_entity.type
_entity.pdbx_description
1 polymer 'Hypothetical UPF0271 protein TTHB195'
2 water water
#
_entity_poly.entity_id   1
_entity_poly.type   'polypeptide(L)'
_entity_poly.pdbx_seq_one_letter_code
;MKVDLNADAGESYGAFAYGHDREIFPLVSSANLACGFHGGSPGRILEAVRLAKAHGVAVGAHPGFPDLVGFGRREMALSP
EEVYADVLYQIGALSAFLKAEGLPLHHVKPHGALYLKACRDRETARAIALAVKAFDPGLPLVVLPGTVYEEEARKAGLRV
VLEAFPERAYLRSGQLAPRSMPGSWITDPEEAARRALRMVLEGKVEALDGGEVAVRADTLCIHGDNPNAPEVARAVREAL
EQAGVEVRAF
;
_entity_poly.pdbx_strand_id   A
#
# COMPACT_ATOMS: atom_id res chain seq x y z
N MET A 1 -4.00 -6.21 20.93
CA MET A 1 -4.48 -6.11 19.52
C MET A 1 -3.30 -5.92 18.57
N LYS A 2 -3.48 -6.29 17.31
CA LYS A 2 -2.39 -6.16 16.33
C LYS A 2 -2.81 -5.44 15.06
N VAL A 3 -1.82 -4.89 14.36
CA VAL A 3 -2.06 -4.18 13.11
C VAL A 3 -0.81 -4.21 12.26
N ASP A 4 -1.00 -4.13 10.95
CA ASP A 4 0.12 -4.13 10.03
C ASP A 4 0.44 -2.70 9.59
N LEU A 5 1.73 -2.39 9.52
CA LEU A 5 2.19 -1.09 9.08
C LEU A 5 2.86 -1.33 7.74
N ASN A 6 2.36 -0.70 6.68
CA ASN A 6 2.95 -0.90 5.35
C ASN A 6 3.44 0.40 4.73
N ALA A 7 4.46 0.27 3.89
CA ALA A 7 5.03 1.42 3.20
C ALA A 7 5.55 0.96 1.85
N ASP A 8 5.55 1.88 0.88
CA ASP A 8 6.06 1.54 -0.44
C ASP A 8 7.56 1.52 -0.34
N ALA A 9 8.21 0.73 -1.20
CA ALA A 9 9.66 0.62 -1.20
C ALA A 9 10.16 0.03 -2.51
N GLY A 10 11.48 -0.02 -2.65
CA GLY A 10 12.10 -0.56 -3.85
C GLY A 10 11.75 0.21 -5.12
N GLU A 11 11.48 1.50 -4.98
CA GLU A 11 11.11 2.29 -6.14
C GLU A 11 12.28 2.92 -6.91
N SER A 12 13.49 2.71 -6.39
CA SER A 12 14.69 3.23 -7.05
C SER A 12 14.80 2.59 -8.43
N TYR A 13 15.40 3.30 -9.37
CA TYR A 13 15.55 2.79 -10.73
C TYR A 13 16.97 3.00 -11.22
N GLY A 14 17.70 1.91 -11.41
CA GLY A 14 19.07 2.00 -11.88
C GLY A 14 19.89 2.88 -10.96
N ALA A 15 20.54 3.90 -11.52
CA ALA A 15 21.36 4.82 -10.75
C ALA A 15 20.52 5.82 -9.95
N PHE A 16 19.22 5.89 -10.25
CA PHE A 16 18.32 6.83 -9.57
C PHE A 16 17.77 6.30 -8.25
N ALA A 17 18.47 6.58 -7.16
CA ALA A 17 18.02 6.14 -5.84
C ALA A 17 16.73 6.90 -5.49
N TYR A 18 15.77 6.20 -4.90
CA TYR A 18 14.50 6.82 -4.52
C TYR A 18 14.00 6.32 -3.16
N GLY A 19 13.44 7.23 -2.36
CA GLY A 19 12.91 6.86 -1.07
C GLY A 19 13.93 6.71 0.04
N HIS A 20 13.51 6.09 1.14
CA HIS A 20 14.39 5.87 2.29
C HIS A 20 14.16 4.47 2.82
N ASP A 21 14.26 3.47 1.94
CA ASP A 21 14.04 2.08 2.32
C ASP A 21 14.82 1.67 3.57
N ARG A 22 16.09 2.07 3.63
CA ARG A 22 16.94 1.73 4.77
C ARG A 22 16.37 2.21 6.11
N GLU A 23 15.77 3.40 6.09
CA GLU A 23 15.19 3.97 7.30
C GLU A 23 13.79 3.47 7.60
N ILE A 24 13.03 3.16 6.54
CA ILE A 24 11.66 2.70 6.70
C ILE A 24 11.47 1.22 7.04
N PHE A 25 12.25 0.34 6.42
CA PHE A 25 12.11 -1.10 6.66
C PHE A 25 12.15 -1.54 8.12
N PRO A 26 13.01 -0.93 8.95
CA PRO A 26 13.05 -1.36 10.35
C PRO A 26 11.82 -0.91 11.15
N LEU A 27 10.96 -0.12 10.53
CA LEU A 27 9.76 0.40 11.20
C LEU A 27 8.45 -0.25 10.77
N VAL A 28 8.40 -0.80 9.55
CA VAL A 28 7.16 -1.39 9.05
C VAL A 28 7.14 -2.91 9.12
N SER A 29 5.95 -3.50 9.02
CA SER A 29 5.83 -4.94 9.04
C SER A 29 5.64 -5.50 7.63
N SER A 30 5.20 -4.66 6.69
CA SER A 30 5.02 -5.09 5.30
C SER A 30 5.45 -3.97 4.37
N ALA A 31 5.91 -4.35 3.18
CA ALA A 31 6.35 -3.36 2.19
C ALA A 31 5.74 -3.69 0.84
N ASN A 32 5.46 -2.65 0.06
CA ASN A 32 4.88 -2.81 -1.27
C ASN A 32 6.02 -2.47 -2.23
N LEU A 33 6.59 -3.49 -2.88
CA LEU A 33 7.70 -3.29 -3.79
C LEU A 33 7.31 -3.03 -5.23
N ALA A 34 7.94 -2.02 -5.84
CA ALA A 34 7.70 -1.67 -7.23
C ALA A 34 8.16 -2.85 -8.09
N CYS A 35 7.55 -2.98 -9.27
CA CYS A 35 7.88 -4.09 -10.15
C CYS A 35 8.47 -3.77 -11.52
N GLY A 36 9.13 -2.62 -11.64
CA GLY A 36 9.76 -2.25 -12.90
C GLY A 36 9.00 -1.37 -13.88
N PHE A 37 7.74 -1.05 -13.57
CA PHE A 37 6.94 -0.20 -14.47
C PHE A 37 6.97 1.28 -14.14
N HIS A 38 6.75 1.61 -12.86
CA HIS A 38 6.79 3.00 -12.47
C HIS A 38 8.02 3.26 -11.63
N GLY A 39 8.78 2.20 -11.41
CA GLY A 39 10.02 2.27 -10.66
C GLY A 39 10.47 0.85 -10.36
N GLY A 40 11.59 0.72 -9.66
CA GLY A 40 12.10 -0.60 -9.32
C GLY A 40 12.75 -1.41 -10.44
N SER A 41 13.97 -1.03 -10.85
CA SER A 41 14.68 -1.78 -11.87
C SER A 41 15.05 -3.14 -11.24
N PRO A 42 15.37 -4.16 -12.06
CA PRO A 42 15.72 -5.48 -11.50
C PRO A 42 16.70 -5.50 -10.33
N GLY A 43 17.82 -4.79 -10.47
CA GLY A 43 18.82 -4.76 -9.41
C GLY A 43 18.28 -4.13 -8.14
N ARG A 44 17.46 -3.09 -8.29
CA ARG A 44 16.88 -2.41 -7.13
C ARG A 44 15.82 -3.28 -6.46
N ILE A 45 15.13 -4.10 -7.25
CA ILE A 45 14.12 -5.00 -6.68
C ILE A 45 14.86 -6.01 -5.81
N LEU A 46 15.92 -6.60 -6.37
CA LEU A 46 16.71 -7.59 -5.67
C LEU A 46 17.24 -7.00 -4.37
N GLU A 47 17.71 -5.76 -4.44
CA GLU A 47 18.24 -5.06 -3.27
C GLU A 47 17.17 -4.87 -2.18
N ALA A 48 15.97 -4.46 -2.61
CA ALA A 48 14.87 -4.22 -1.68
C ALA A 48 14.39 -5.50 -1.04
N VAL A 49 14.36 -6.58 -1.81
CA VAL A 49 13.94 -7.88 -1.29
C VAL A 49 14.94 -8.36 -0.25
N ARG A 50 16.23 -8.16 -0.54
CA ARG A 50 17.26 -8.58 0.41
C ARG A 50 17.14 -7.78 1.70
N LEU A 51 16.88 -6.49 1.57
CA LEU A 51 16.73 -5.62 2.74
C LEU A 51 15.53 -6.04 3.58
N ALA A 52 14.40 -6.29 2.92
CA ALA A 52 13.19 -6.71 3.62
C ALA A 52 13.44 -8.01 4.38
N LYS A 53 14.11 -8.95 3.72
CA LYS A 53 14.43 -10.24 4.33
C LYS A 53 15.30 -10.04 5.56
N ALA A 54 16.29 -9.17 5.44
CA ALA A 54 17.20 -8.89 6.54
C ALA A 54 16.44 -8.30 7.73
N HIS A 55 15.38 -7.56 7.44
CA HIS A 55 14.59 -6.95 8.51
C HIS A 55 13.30 -7.68 8.85
N GLY A 56 13.11 -8.86 8.27
CA GLY A 56 11.92 -9.63 8.54
C GLY A 56 10.62 -8.93 8.17
N VAL A 57 10.67 -8.18 7.07
CA VAL A 57 9.51 -7.44 6.57
C VAL A 57 8.82 -8.26 5.48
N ALA A 58 7.49 -8.33 5.53
CA ALA A 58 6.72 -9.09 4.54
C ALA A 58 6.69 -8.30 3.23
N VAL A 59 6.89 -8.97 2.12
CA VAL A 59 6.91 -8.29 0.83
C VAL A 59 5.69 -8.55 -0.04
N GLY A 60 5.11 -7.48 -0.58
CA GLY A 60 3.96 -7.59 -1.45
C GLY A 60 4.27 -6.85 -2.74
N ALA A 61 3.50 -7.11 -3.79
CA ALA A 61 3.73 -6.44 -5.08
C ALA A 61 3.00 -5.09 -5.13
N HIS A 62 3.65 -4.12 -5.75
CA HIS A 62 3.12 -2.77 -5.89
C HIS A 62 3.08 -2.46 -7.40
N PRO A 63 2.22 -3.18 -8.15
CA PRO A 63 2.11 -2.95 -9.59
C PRO A 63 1.55 -1.59 -9.99
N GLY A 64 2.05 -1.05 -11.10
CA GLY A 64 1.58 0.25 -11.55
C GLY A 64 1.47 0.35 -13.07
N PHE A 65 1.06 1.53 -13.54
CA PHE A 65 0.93 1.78 -14.97
C PHE A 65 2.32 1.80 -15.61
N PRO A 66 2.39 1.51 -16.92
CA PRO A 66 3.68 1.53 -17.61
C PRO A 66 4.00 2.98 -17.94
N ASP A 67 4.48 3.73 -16.95
CA ASP A 67 4.81 5.14 -17.11
C ASP A 67 5.95 5.49 -16.14
N LEU A 68 7.16 5.13 -16.51
CA LEU A 68 8.32 5.37 -15.66
C LEU A 68 8.59 6.85 -15.41
N VAL A 69 8.65 7.64 -16.48
CA VAL A 69 8.93 9.06 -16.32
C VAL A 69 7.87 9.72 -15.45
N GLY A 70 6.64 9.23 -15.51
CA GLY A 70 5.57 9.79 -14.71
C GLY A 70 5.43 9.14 -13.35
N PHE A 71 6.28 8.16 -13.08
CA PHE A 71 6.29 7.42 -11.82
C PHE A 71 4.94 6.75 -11.54
N GLY A 72 4.25 6.40 -12.62
CA GLY A 72 2.95 5.75 -12.51
C GLY A 72 1.91 6.58 -11.77
N ARG A 73 2.11 7.90 -11.74
CA ARG A 73 1.19 8.80 -11.05
C ARG A 73 0.18 9.44 -11.99
N ARG A 74 0.24 9.07 -13.27
CA ARG A 74 -0.65 9.65 -14.25
C ARG A 74 -1.67 8.67 -14.81
N GLU A 75 -2.93 9.08 -14.82
CA GLU A 75 -4.01 8.26 -15.36
C GLU A 75 -3.69 7.85 -16.79
N MET A 76 -3.90 6.58 -17.11
CA MET A 76 -3.65 6.05 -18.46
C MET A 76 -4.86 5.21 -18.89
N ALA A 77 -5.33 5.44 -20.10
CA ALA A 77 -6.49 4.71 -20.61
C ALA A 77 -6.20 3.27 -21.02
N LEU A 78 -5.79 2.44 -20.05
CA LEU A 78 -5.51 1.04 -20.34
C LEU A 78 -6.82 0.25 -20.40
N SER A 79 -6.91 -0.69 -21.33
CA SER A 79 -8.11 -1.51 -21.45
C SER A 79 -8.00 -2.52 -20.31
N PRO A 80 -9.13 -3.13 -19.92
CA PRO A 80 -9.02 -4.11 -18.82
C PRO A 80 -8.06 -5.24 -19.17
N GLU A 81 -8.02 -5.61 -20.44
CA GLU A 81 -7.11 -6.67 -20.90
C GLU A 81 -5.67 -6.26 -20.63
N GLU A 82 -5.34 -5.01 -20.93
CA GLU A 82 -3.99 -4.50 -20.71
C GLU A 82 -3.65 -4.44 -19.22
N VAL A 83 -4.62 -4.04 -18.40
CA VAL A 83 -4.40 -3.97 -16.95
C VAL A 83 -4.07 -5.37 -16.40
N TYR A 84 -4.87 -6.34 -16.82
CA TYR A 84 -4.69 -7.73 -16.42
C TYR A 84 -3.29 -8.26 -16.76
N ALA A 85 -2.87 -8.06 -18.01
CA ALA A 85 -1.56 -8.52 -18.45
C ALA A 85 -0.41 -7.80 -17.75
N ASP A 86 -0.54 -6.49 -17.61
CA ASP A 86 0.51 -5.70 -16.94
C ASP A 86 0.67 -6.10 -15.48
N VAL A 87 -0.43 -6.31 -14.78
CA VAL A 87 -0.38 -6.72 -13.38
C VAL A 87 0.23 -8.11 -13.25
N LEU A 88 -0.17 -9.04 -14.11
CA LEU A 88 0.39 -10.40 -14.06
C LEU A 88 1.90 -10.37 -14.25
N TYR A 89 2.32 -9.63 -15.27
CA TYR A 89 3.73 -9.49 -15.60
C TYR A 89 4.53 -9.01 -14.40
N GLN A 90 4.02 -7.96 -13.75
CA GLN A 90 4.70 -7.37 -12.60
C GLN A 90 4.75 -8.28 -11.39
N ILE A 91 3.62 -8.89 -11.06
CA ILE A 91 3.57 -9.80 -9.92
C ILE A 91 4.55 -10.94 -10.15
N GLY A 92 4.57 -11.47 -11.37
CA GLY A 92 5.48 -12.56 -11.69
C GLY A 92 6.94 -12.18 -11.55
N ALA A 93 7.31 -11.01 -12.07
CA ALA A 93 8.69 -10.56 -12.00
C ALA A 93 9.17 -10.47 -10.55
N LEU A 94 8.35 -9.85 -9.69
CA LEU A 94 8.73 -9.72 -8.28
C LEU A 94 8.81 -11.09 -7.61
N SER A 95 7.87 -11.98 -7.92
CA SER A 95 7.86 -13.31 -7.32
C SER A 95 9.14 -14.10 -7.56
N ALA A 96 9.85 -13.81 -8.66
CA ALA A 96 11.08 -14.52 -8.96
C ALA A 96 12.16 -14.17 -7.94
N PHE A 97 12.23 -12.90 -7.55
CA PHE A 97 13.20 -12.45 -6.55
C PHE A 97 12.87 -13.02 -5.18
N LEU A 98 11.58 -13.12 -4.86
CA LEU A 98 11.17 -13.68 -3.59
C LEU A 98 11.51 -15.17 -3.55
N LYS A 99 11.30 -15.85 -4.68
CA LYS A 99 11.60 -17.27 -4.77
C LYS A 99 13.09 -17.50 -4.55
N ALA A 100 13.93 -16.68 -5.18
CA ALA A 100 15.39 -16.79 -5.04
C ALA A 100 15.82 -16.58 -3.60
N GLU A 101 15.11 -15.72 -2.89
CA GLU A 101 15.45 -15.42 -1.50
C GLU A 101 14.66 -16.25 -0.49
N GLY A 102 13.94 -17.25 -0.99
CA GLY A 102 13.14 -18.11 -0.12
C GLY A 102 12.02 -17.44 0.65
N LEU A 103 11.41 -16.41 0.05
CA LEU A 103 10.33 -15.69 0.69
C LEU A 103 9.04 -15.81 -0.10
N PRO A 104 7.89 -15.73 0.57
CA PRO A 104 6.61 -15.84 -0.13
C PRO A 104 6.14 -14.45 -0.56
N LEU A 105 5.22 -14.40 -1.52
CA LEU A 105 4.66 -13.12 -1.95
C LEU A 105 3.52 -12.93 -0.95
N HIS A 106 3.64 -11.90 -0.13
CA HIS A 106 2.67 -11.64 0.93
C HIS A 106 1.33 -11.03 0.53
N HIS A 107 1.36 -10.09 -0.40
CA HIS A 107 0.12 -9.44 -0.83
C HIS A 107 0.33 -8.68 -2.15
N VAL A 108 -0.71 -8.01 -2.59
CA VAL A 108 -0.66 -7.19 -3.78
C VAL A 108 -1.40 -5.90 -3.45
N LYS A 109 -0.83 -4.78 -3.89
CA LYS A 109 -1.41 -3.47 -3.68
C LYS A 109 -1.02 -2.57 -4.86
N PRO A 110 -1.99 -2.17 -5.68
CA PRO A 110 -1.75 -1.30 -6.84
C PRO A 110 -1.09 0.00 -6.44
N HIS A 111 -0.31 0.58 -7.35
CA HIS A 111 0.39 1.84 -7.09
C HIS A 111 -0.19 3.05 -7.82
N GLY A 112 -0.06 4.21 -7.18
CA GLY A 112 -0.49 5.47 -7.76
C GLY A 112 -1.78 5.55 -8.55
N ALA A 113 -1.68 6.05 -9.78
CA ALA A 113 -2.85 6.23 -10.64
C ALA A 113 -3.62 4.94 -10.92
N LEU A 114 -2.93 3.81 -10.92
CA LEU A 114 -3.62 2.54 -11.15
C LEU A 114 -4.55 2.27 -9.96
N TYR A 115 -4.03 2.55 -8.77
CA TYR A 115 -4.79 2.38 -7.53
C TYR A 115 -6.04 3.25 -7.61
N LEU A 116 -5.84 4.53 -7.93
CA LEU A 116 -6.95 5.47 -8.04
C LEU A 116 -7.95 5.07 -9.13
N LYS A 117 -7.46 4.61 -10.28
CA LYS A 117 -8.34 4.20 -11.36
C LYS A 117 -9.19 3.03 -10.89
N ALA A 118 -8.56 2.13 -10.13
CA ALA A 118 -9.25 0.96 -9.59
C ALA A 118 -10.35 1.35 -8.61
N CYS A 119 -10.10 2.36 -7.79
CA CYS A 119 -11.07 2.80 -6.79
C CYS A 119 -12.34 3.40 -7.38
N ARG A 120 -12.30 3.81 -8.65
CA ARG A 120 -13.49 4.39 -9.29
C ARG A 120 -13.92 3.70 -10.57
N ASP A 121 -13.13 2.74 -11.04
CA ASP A 121 -13.46 2.04 -12.28
C ASP A 121 -13.57 0.53 -12.09
N ARG A 122 -14.80 0.02 -12.16
CA ARG A 122 -15.05 -1.41 -11.96
C ARG A 122 -14.28 -2.36 -12.89
N GLU A 123 -14.16 -2.01 -14.17
CA GLU A 123 -13.44 -2.87 -15.09
C GLU A 123 -11.96 -2.97 -14.74
N THR A 124 -11.36 -1.87 -14.33
CA THR A 124 -9.96 -1.86 -13.95
C THR A 124 -9.80 -2.67 -12.67
N ALA A 125 -10.68 -2.42 -11.71
CA ALA A 125 -10.64 -3.13 -10.42
C ALA A 125 -10.76 -4.64 -10.66
N ARG A 126 -11.70 -5.03 -11.51
CA ARG A 126 -11.90 -6.45 -11.81
C ARG A 126 -10.66 -7.06 -12.47
N ALA A 127 -10.05 -6.34 -13.41
CA ALA A 127 -8.86 -6.83 -14.09
C ALA A 127 -7.72 -7.10 -13.12
N ILE A 128 -7.53 -6.20 -12.16
CA ILE A 128 -6.48 -6.37 -11.17
C ILE A 128 -6.77 -7.61 -10.33
N ALA A 129 -8.01 -7.69 -9.86
CA ALA A 129 -8.45 -8.82 -9.05
C ALA A 129 -8.25 -10.15 -9.75
N LEU A 130 -8.65 -10.24 -11.02
CA LEU A 130 -8.49 -11.49 -11.76
C LEU A 130 -7.03 -11.85 -12.02
N ALA A 131 -6.18 -10.85 -12.24
CA ALA A 131 -4.76 -11.11 -12.47
C ALA A 131 -4.18 -11.73 -11.20
N VAL A 132 -4.48 -11.12 -10.06
CA VAL A 132 -3.99 -11.62 -8.77
C VAL A 132 -4.53 -13.03 -8.52
N LYS A 133 -5.81 -13.24 -8.78
CA LYS A 133 -6.44 -14.54 -8.56
C LYS A 133 -5.84 -15.61 -9.48
N ALA A 134 -5.58 -15.25 -10.73
CA ALA A 134 -5.01 -16.18 -11.70
C ALA A 134 -3.60 -16.63 -11.30
N PHE A 135 -2.87 -15.73 -10.64
CA PHE A 135 -1.51 -16.04 -10.21
C PHE A 135 -1.48 -16.92 -8.94
N ASP A 136 -2.30 -16.55 -7.97
CA ASP A 136 -2.42 -17.26 -6.70
C ASP A 136 -3.71 -16.85 -6.02
N PRO A 137 -4.75 -17.71 -6.12
CA PRO A 137 -6.07 -17.48 -5.49
C PRO A 137 -5.97 -17.09 -4.00
N GLY A 138 -4.88 -17.49 -3.36
CA GLY A 138 -4.73 -17.24 -1.93
C GLY A 138 -4.12 -15.89 -1.58
N LEU A 139 -3.67 -15.15 -2.60
CA LEU A 139 -3.07 -13.85 -2.38
C LEU A 139 -4.05 -12.77 -1.92
N PRO A 140 -3.76 -12.12 -0.78
CA PRO A 140 -4.67 -11.07 -0.31
C PRO A 140 -4.45 -9.79 -1.11
N LEU A 141 -5.51 -9.06 -1.35
CA LEU A 141 -5.42 -7.81 -2.10
C LEU A 141 -5.74 -6.68 -1.13
N VAL A 142 -4.84 -5.69 -1.06
CA VAL A 142 -5.03 -4.54 -0.19
C VAL A 142 -5.91 -3.55 -0.93
N VAL A 143 -6.99 -3.11 -0.29
CA VAL A 143 -7.92 -2.20 -0.94
C VAL A 143 -8.37 -1.06 -0.03
N LEU A 144 -9.02 -0.08 -0.64
CA LEU A 144 -9.57 1.06 0.09
C LEU A 144 -11.00 0.67 0.41
N PRO A 145 -11.37 0.65 1.69
CA PRO A 145 -12.73 0.28 2.08
C PRO A 145 -13.81 1.20 1.52
N GLY A 146 -14.95 0.61 1.18
CA GLY A 146 -16.07 1.37 0.65
C GLY A 146 -15.98 1.77 -0.81
N THR A 147 -15.07 1.15 -1.55
CA THR A 147 -14.89 1.47 -2.97
C THR A 147 -15.34 0.31 -3.88
N VAL A 148 -15.52 0.62 -5.16
CA VAL A 148 -15.91 -0.40 -6.13
C VAL A 148 -14.75 -1.38 -6.25
N TYR A 149 -13.58 -0.92 -5.82
CA TYR A 149 -12.38 -1.72 -5.84
C TYR A 149 -12.51 -2.86 -4.81
N GLU A 150 -12.98 -2.52 -3.61
CA GLU A 150 -13.17 -3.54 -2.59
C GLU A 150 -14.24 -4.51 -3.09
N GLU A 151 -15.28 -3.96 -3.71
CA GLU A 151 -16.39 -4.75 -4.24
C GLU A 151 -15.97 -5.80 -5.27
N GLU A 152 -15.23 -5.36 -6.29
CA GLU A 152 -14.80 -6.29 -7.33
C GLU A 152 -13.85 -7.34 -6.79
N ALA A 153 -13.01 -6.94 -5.83
CA ALA A 153 -12.07 -7.88 -5.24
C ALA A 153 -12.85 -8.98 -4.54
N ARG A 154 -13.91 -8.62 -3.84
CA ARG A 154 -14.73 -9.61 -3.13
C ARG A 154 -15.51 -10.45 -4.12
N LYS A 155 -16.04 -9.83 -5.17
CA LYS A 155 -16.79 -10.55 -6.18
C LYS A 155 -15.90 -11.57 -6.87
N ALA A 156 -14.61 -11.26 -6.97
CA ALA A 156 -13.64 -12.15 -7.62
C ALA A 156 -13.32 -13.36 -6.73
N GLY A 157 -13.69 -13.26 -5.46
CA GLY A 157 -13.43 -14.36 -4.54
C GLY A 157 -12.10 -14.26 -3.83
N LEU A 158 -11.47 -13.09 -3.89
CA LEU A 158 -10.18 -12.88 -3.25
C LEU A 158 -10.33 -12.43 -1.81
N ARG A 159 -9.32 -12.74 -0.99
CA ARG A 159 -9.32 -12.29 0.39
C ARG A 159 -8.94 -10.82 0.29
N VAL A 160 -9.65 -9.95 1.01
CA VAL A 160 -9.35 -8.53 0.97
C VAL A 160 -8.81 -8.00 2.29
N VAL A 161 -7.88 -7.06 2.20
CA VAL A 161 -7.26 -6.44 3.37
C VAL A 161 -7.57 -4.95 3.33
N LEU A 162 -8.20 -4.45 4.39
CA LEU A 162 -8.57 -3.04 4.46
C LEU A 162 -7.47 -2.11 4.93
N GLU A 163 -7.18 -1.10 4.11
CA GLU A 163 -6.14 -0.13 4.40
C GLU A 163 -6.69 1.20 4.90
N ALA A 164 -5.97 1.79 5.85
CA ALA A 164 -6.34 3.08 6.43
C ALA A 164 -5.12 3.97 6.33
N PHE A 165 -5.33 5.28 6.29
CA PHE A 165 -4.23 6.22 6.16
C PHE A 165 -4.16 7.24 7.30
N PRO A 166 -3.31 6.98 8.30
CA PRO A 166 -3.18 7.91 9.43
C PRO A 166 -2.67 9.29 9.01
N GLU A 167 -2.07 9.39 7.83
CA GLU A 167 -1.54 10.67 7.36
C GLU A 167 -2.49 11.45 6.48
N ARG A 168 -3.65 10.88 6.18
CA ARG A 168 -4.63 11.56 5.32
C ARG A 168 -5.90 11.87 6.07
N ALA A 169 -6.49 13.03 5.79
CA ALA A 169 -7.73 13.42 6.44
C ALA A 169 -8.89 12.67 5.81
N TYR A 170 -9.91 12.40 6.62
CA TYR A 170 -11.11 11.71 6.15
C TYR A 170 -12.31 12.65 6.18
N LEU A 171 -13.32 12.33 5.37
CA LEU A 171 -14.54 13.12 5.32
C LEU A 171 -15.63 12.28 5.96
N ARG A 172 -16.73 12.92 6.38
CA ARG A 172 -17.83 12.19 7.01
C ARG A 172 -18.32 11.03 6.13
N SER A 173 -18.18 11.19 4.81
CA SER A 173 -18.59 10.16 3.87
C SER A 173 -17.84 8.85 4.11
N GLY A 174 -16.68 8.93 4.75
CA GLY A 174 -15.91 7.74 5.02
C GLY A 174 -14.77 7.56 4.02
N GLN A 175 -14.71 8.46 3.04
CA GLN A 175 -13.67 8.40 2.03
C GLN A 175 -12.61 9.47 2.34
N LEU A 176 -11.46 9.37 1.69
CA LEU A 176 -10.37 10.30 1.92
C LEU A 176 -10.66 11.70 1.39
N ALA A 177 -10.20 12.70 2.11
CA ALA A 177 -10.37 14.07 1.65
C ALA A 177 -9.47 14.36 0.45
N PRO A 178 -10.05 15.10 -0.52
CA PRO A 178 -9.29 15.58 -1.69
C PRO A 178 -7.91 16.15 -1.32
N ARG A 179 -6.93 15.74 -2.16
CA ARG A 179 -5.52 16.08 -1.91
C ARG A 179 -5.21 17.54 -1.53
N SER A 180 -5.67 18.47 -2.39
CA SER A 180 -5.26 19.87 -2.22
C SER A 180 -6.26 20.61 -1.33
N MET A 181 -7.02 19.84 -0.54
CA MET A 181 -7.99 20.47 0.36
C MET A 181 -7.26 20.85 1.66
N PRO A 182 -7.52 22.09 2.12
CA PRO A 182 -6.87 22.61 3.30
C PRO A 182 -6.97 21.60 4.45
N GLY A 183 -5.79 21.08 4.85
CA GLY A 183 -5.76 20.16 5.97
C GLY A 183 -5.97 18.71 5.53
N SER A 184 -5.80 18.47 4.22
CA SER A 184 -6.04 17.12 3.70
C SER A 184 -4.96 16.12 4.13
N TRP A 185 -3.73 16.62 4.27
CA TRP A 185 -2.64 15.73 4.66
C TRP A 185 -2.05 16.09 6.03
N ILE A 186 -2.06 15.09 6.94
CA ILE A 186 -1.46 15.29 8.26
C ILE A 186 0.08 15.21 8.19
N THR A 187 0.73 16.35 8.51
CA THR A 187 2.19 16.37 8.43
C THR A 187 2.85 16.03 9.78
N ASP A 188 2.17 16.44 10.88
CA ASP A 188 2.74 16.20 12.20
C ASP A 188 2.66 14.72 12.58
N PRO A 189 3.85 14.09 12.67
CA PRO A 189 3.95 12.69 13.03
C PRO A 189 3.23 12.39 14.35
N GLU A 190 3.23 13.40 15.26
CA GLU A 190 2.54 13.22 16.53
C GLU A 190 1.03 13.00 16.34
N GLU A 191 0.42 13.88 15.51
CA GLU A 191 -1.01 13.72 15.24
C GLU A 191 -1.29 12.43 14.45
N ALA A 192 -0.42 12.17 13.46
CA ALA A 192 -0.58 10.94 12.68
C ALA A 192 -0.53 9.71 13.57
N ALA A 193 0.44 9.71 14.50
CA ALA A 193 0.51 8.61 15.46
C ALA A 193 -0.76 8.57 16.32
N ARG A 194 -1.19 9.77 16.74
CA ARG A 194 -2.44 9.89 17.48
C ARG A 194 -3.61 9.25 16.73
N ARG A 195 -3.74 9.66 15.45
CA ARG A 195 -4.79 9.11 14.61
C ARG A 195 -4.65 7.60 14.43
N ALA A 196 -3.40 7.17 14.21
CA ALA A 196 -3.16 5.74 14.02
C ALA A 196 -3.68 4.92 15.19
N LEU A 197 -3.26 5.32 16.42
CA LEU A 197 -3.75 4.63 17.62
C LEU A 197 -5.27 4.55 17.62
N ARG A 198 -5.90 5.71 17.37
CA ARG A 198 -7.35 5.79 17.37
C ARG A 198 -7.97 4.78 16.40
N MET A 199 -7.43 4.76 15.17
CA MET A 199 -7.96 3.84 14.16
C MET A 199 -7.88 2.38 14.63
N VAL A 200 -6.74 2.05 15.26
CA VAL A 200 -6.58 0.68 15.76
C VAL A 200 -7.45 0.40 17.00
N LEU A 201 -7.22 1.22 18.04
CA LEU A 201 -7.89 0.98 19.33
C LEU A 201 -9.41 1.20 19.28
N GLU A 202 -9.85 2.18 18.47
CA GLU A 202 -11.26 2.55 18.50
C GLU A 202 -11.99 2.31 17.18
N GLY A 203 -11.22 2.10 16.10
CA GLY A 203 -11.84 1.86 14.80
C GLY A 203 -12.55 3.12 14.27
N LYS A 204 -12.04 4.28 14.70
CA LYS A 204 -12.62 5.53 14.23
C LYS A 204 -11.55 6.61 14.02
N VAL A 205 -11.88 7.57 13.14
CA VAL A 205 -10.99 8.72 12.96
C VAL A 205 -11.78 10.02 12.82
N GLU A 206 -11.21 11.10 13.39
CA GLU A 206 -11.83 12.40 13.21
C GLU A 206 -12.08 12.70 11.73
N ALA A 207 -13.22 13.36 11.47
CA ALA A 207 -13.51 13.77 10.10
C ALA A 207 -13.24 15.25 9.91
N LEU A 208 -12.65 15.57 8.75
CA LEU A 208 -12.31 16.96 8.47
C LEU A 208 -13.55 17.87 8.43
N ASP A 209 -14.65 17.31 7.89
CA ASP A 209 -15.87 18.13 7.78
C ASP A 209 -16.84 17.92 8.96
N GLY A 210 -16.29 17.63 10.14
CA GLY A 210 -17.12 17.47 11.32
C GLY A 210 -17.28 16.07 11.88
N GLY A 211 -17.18 15.96 13.21
CA GLY A 211 -17.33 14.68 13.87
C GLY A 211 -16.27 13.65 13.54
N GLU A 212 -16.68 12.39 13.44
CA GLU A 212 -15.76 11.30 13.12
C GLU A 212 -16.43 10.23 12.27
N VAL A 213 -15.63 9.33 11.72
CA VAL A 213 -16.14 8.26 10.89
C VAL A 213 -15.49 6.92 11.27
N ALA A 214 -16.20 5.83 10.98
CA ALA A 214 -15.71 4.50 11.28
C ALA A 214 -14.68 4.06 10.25
N VAL A 215 -13.67 3.34 10.70
CA VAL A 215 -12.62 2.84 9.82
C VAL A 215 -12.01 1.58 10.44
N ARG A 216 -11.93 0.52 9.64
CA ARG A 216 -11.33 -0.72 10.11
C ARG A 216 -9.99 -0.81 9.41
N ALA A 217 -8.92 -0.72 10.19
CA ALA A 217 -7.57 -0.77 9.66
C ALA A 217 -6.85 -2.09 9.83
N ASP A 218 -6.86 -2.92 8.79
CA ASP A 218 -6.14 -4.18 8.86
C ASP A 218 -4.67 -3.79 8.69
N THR A 219 -4.46 -2.73 7.91
CA THR A 219 -3.11 -2.24 7.67
C THR A 219 -3.13 -0.71 7.59
N LEU A 220 -2.07 -0.09 8.04
CA LEU A 220 -1.92 1.37 8.02
C LEU A 220 -0.83 1.75 7.03
N CYS A 221 -1.18 2.59 6.06
CA CYS A 221 -0.21 3.02 5.05
C CYS A 221 0.61 4.22 5.50
N ILE A 222 1.91 4.16 5.26
CA ILE A 222 2.83 5.23 5.61
C ILE A 222 3.50 5.76 4.34
N HIS A 223 3.55 7.08 4.20
CA HIS A 223 4.16 7.70 3.03
C HIS A 223 5.55 7.13 2.73
N PRO A 227 9.53 12.10 2.06
CA PRO A 227 10.18 13.24 2.72
C PRO A 227 10.64 12.92 4.13
N ASN A 228 9.77 13.18 5.11
CA ASN A 228 10.08 12.91 6.51
C ASN A 228 9.34 11.65 6.92
N ALA A 229 9.01 10.82 5.94
CA ALA A 229 8.31 9.57 6.16
C ALA A 229 8.90 8.78 7.32
N PRO A 230 10.24 8.69 7.40
CA PRO A 230 10.85 7.94 8.51
C PRO A 230 10.38 8.44 9.87
N GLU A 231 10.31 9.76 10.02
CA GLU A 231 9.87 10.36 11.27
C GLU A 231 8.43 9.97 11.60
N VAL A 232 7.55 10.07 10.61
CA VAL A 232 6.16 9.71 10.80
C VAL A 232 6.04 8.23 11.14
N ALA A 233 6.70 7.39 10.35
CA ALA A 233 6.68 5.95 10.58
C ALA A 233 7.19 5.64 11.99
N ARG A 234 8.26 6.32 12.38
CA ARG A 234 8.85 6.11 13.70
C ARG A 234 7.81 6.46 14.76
N ALA A 235 7.28 7.68 14.69
CA ALA A 235 6.29 8.15 15.63
C ALA A 235 5.10 7.19 15.73
N VAL A 236 4.60 6.74 14.58
CA VAL A 236 3.46 5.83 14.56
C VAL A 236 3.75 4.48 15.20
N ARG A 237 4.85 3.85 14.83
CA ARG A 237 5.19 2.55 15.39
C ARG A 237 5.36 2.61 16.91
N GLU A 238 6.06 3.64 17.37
CA GLU A 238 6.31 3.80 18.80
C GLU A 238 5.01 4.01 19.58
N ALA A 239 4.13 4.85 19.06
CA ALA A 239 2.86 5.13 19.71
C ALA A 239 2.07 3.83 19.84
N LEU A 240 2.15 2.98 18.82
CA LEU A 240 1.44 1.71 18.83
C LEU A 240 2.05 0.70 19.80
N GLU A 241 3.37 0.62 19.82
CA GLU A 241 4.05 -0.32 20.71
C GLU A 241 3.99 0.13 22.16
N GLN A 242 4.13 1.43 22.40
CA GLN A 242 4.07 1.94 23.76
C GLN A 242 2.63 1.80 24.27
N ALA A 243 1.71 1.55 23.34
CA ALA A 243 0.30 1.38 23.66
C ALA A 243 -0.04 -0.09 23.84
N GLY A 244 0.92 -0.96 23.55
CA GLY A 244 0.69 -2.38 23.69
C GLY A 244 0.05 -3.02 22.48
N VAL A 245 0.16 -2.36 21.33
CA VAL A 245 -0.39 -2.88 20.09
C VAL A 245 0.73 -3.59 19.33
N GLU A 246 0.48 -4.82 18.88
CA GLU A 246 1.50 -5.56 18.15
C GLU A 246 1.49 -5.20 16.66
N VAL A 247 2.65 -4.80 16.16
CA VAL A 247 2.78 -4.45 14.75
C VAL A 247 3.29 -5.69 14.03
N ARG A 248 2.41 -6.34 13.27
CA ARG A 248 2.81 -7.53 12.54
C ARG A 248 2.07 -7.69 11.22
N ALA A 249 2.72 -8.35 10.27
CA ALA A 249 2.15 -8.55 8.94
C ALA A 249 0.81 -9.26 9.04
N PHE A 250 -0.14 -8.80 8.23
CA PHE A 250 -1.48 -9.38 8.20
C PHE A 250 -1.50 -10.75 7.51
#